data_5FID
#
_entry.id   5FID
#
_cell.length_a   36.245
_cell.length_b   43.511
_cell.length_c   74.001
_cell.angle_alpha   90.00
_cell.angle_beta   92.88
_cell.angle_gamma   90.00
#
_symmetry.space_group_name_H-M   'P 1 21 1'
#
loop_
_entity.id
_entity.type
_entity.pdbx_description
1 polymer 'Elicitor protein Hrip2'
2 water water
#
_entity_poly.entity_id   1
_entity_poly.type   'polypeptide(L)'
_entity_poly.pdbx_seq_one_letter_code
;SNAQQAIVHNNCQDTVYVQSFPYDGSATGPLTTLQAGQTFSEDFRKSGSTVKVSKTKTLTSP(MSE)FIGYSFSSNPDYG
YYELSSEWGNPFADKRVTLSPGAGCQDFNCAPNDAGCYSRPD(MSE)KKVYGCPLPINVEATLCA
;
_entity_poly.pdbx_strand_id   A,B
#
# COMPACT_ATOMS: atom_id res chain seq x y z
N ALA A 3 -16.09 -6.52 12.49
CA ALA A 3 -15.40 -7.81 12.65
C ALA A 3 -13.89 -7.63 12.59
N GLN A 4 -13.43 -6.75 11.70
CA GLN A 4 -12.00 -6.53 11.52
C GLN A 4 -11.41 -5.82 12.72
N GLN A 5 -10.20 -6.23 13.11
CA GLN A 5 -9.57 -5.68 14.31
C GLN A 5 -8.21 -5.09 14.02
N ALA A 6 -7.87 -4.03 14.75
CA ALA A 6 -6.49 -3.56 14.80
C ALA A 6 -5.97 -4.05 16.14
N ILE A 7 -4.84 -4.73 16.11
CA ILE A 7 -4.35 -5.45 17.29
C ILE A 7 -2.88 -5.11 17.54
N VAL A 8 -2.54 -4.87 18.81
CA VAL A 8 -1.14 -4.69 19.18
C VAL A 8 -0.77 -5.65 20.30
N HIS A 9 0.10 -6.62 19.99
CA HIS A 9 0.58 -7.55 21.01
C HIS A 9 1.86 -7.02 21.62
N ASN A 10 1.86 -6.77 22.92
CA ASN A 10 3.09 -6.33 23.59
C ASN A 10 3.92 -7.52 24.09
N ASN A 11 4.92 -7.94 23.31
CA ASN A 11 5.79 -9.03 23.73
C ASN A 11 7.10 -8.51 24.34
N CYS A 12 7.16 -7.21 24.61
CA CYS A 12 8.35 -6.60 25.22
C CYS A 12 8.40 -6.81 26.72
N GLN A 13 9.56 -6.55 27.32
CA GLN A 13 9.70 -6.66 28.76
C GLN A 13 9.11 -5.45 29.47
N ASP A 14 8.83 -4.42 28.69
CA ASP A 14 8.37 -3.15 29.23
C ASP A 14 6.86 -3.02 29.17
N THR A 15 6.31 -2.26 30.12
CA THR A 15 4.93 -1.81 30.01
C THR A 15 4.88 -0.84 28.82
N VAL A 16 3.86 -0.97 27.99
CA VAL A 16 3.68 -0.02 26.89
C VAL A 16 2.29 0.60 26.94
N TYR A 17 2.12 1.73 26.24
CA TYR A 17 0.85 2.44 26.24
C TYR A 17 0.37 2.58 24.81
N VAL A 18 -0.91 2.30 24.58
CA VAL A 18 -1.47 2.30 23.24
C VAL A 18 -2.75 3.13 23.24
N GLN A 19 -2.94 3.94 22.20
CA GLN A 19 -4.19 4.69 22.05
C GLN A 19 -4.49 5.00 20.58
N SER A 20 -5.77 4.89 20.22
CA SER A 20 -6.20 5.07 18.83
C SER A 20 -6.83 6.44 18.62
N PHE A 21 -6.44 7.08 17.51
CA PHE A 21 -6.88 8.43 17.19
C PHE A 21 -7.54 8.44 15.83
N PRO A 22 -8.89 8.30 15.82
CA PRO A 22 -9.67 8.17 14.59
C PRO A 22 -9.41 9.30 13.59
N TYR A 23 -9.29 8.95 12.32
CA TYR A 23 -9.08 9.96 11.28
C TYR A 23 -10.23 10.94 11.16
N ASP A 24 -11.44 10.51 11.50
CA ASP A 24 -12.61 11.40 11.33
C ASP A 24 -12.84 12.33 12.52
N GLY A 25 -11.91 12.31 13.47
CA GLY A 25 -11.97 13.24 14.59
C GLY A 25 -12.82 12.79 15.77
N SER A 26 -13.44 11.63 15.66
CA SER A 26 -14.27 11.12 16.75
C SER A 26 -13.38 10.87 17.95
N ALA A 27 -13.98 10.64 19.11
CA ALA A 27 -13.23 10.50 20.36
C ALA A 27 -12.09 9.51 20.24
N THR A 28 -10.98 9.80 20.92
CA THR A 28 -9.86 8.88 20.98
C THR A 28 -10.32 7.62 21.69
N GLY A 29 -9.63 6.52 21.43
CA GLY A 29 -9.96 5.29 22.11
C GLY A 29 -9.42 5.37 23.52
N PRO A 30 -9.72 4.37 24.35
CA PRO A 30 -9.17 4.36 25.71
C PRO A 30 -7.64 4.40 25.70
N LEU A 31 -7.06 5.20 26.58
CA LEU A 31 -5.62 5.17 26.80
C LEU A 31 -5.34 3.82 27.45
N THR A 32 -4.66 2.94 26.73
CA THR A 32 -4.55 1.55 27.14
C THR A 32 -3.17 1.19 27.67
N THR A 33 -3.13 0.68 28.89
CA THR A 33 -1.87 0.24 29.46
C THR A 33 -1.70 -1.26 29.21
N LEU A 34 -0.61 -1.63 28.55
CA LEU A 34 -0.32 -3.03 28.30
C LEU A 34 0.89 -3.46 29.12
N GLN A 35 0.66 -4.29 30.14
CA GLN A 35 1.77 -4.91 30.83
C GLN A 35 2.51 -5.76 29.82
N ALA A 36 3.77 -6.05 30.08
CA ALA A 36 4.51 -7.03 29.31
C ALA A 36 3.62 -8.25 29.08
N GLY A 37 3.35 -8.57 27.81
CA GLY A 37 2.58 -9.77 27.49
C GLY A 37 1.15 -9.50 27.09
N GLN A 38 0.62 -8.33 27.42
CA GLN A 38 -0.78 -8.03 27.13
C GLN A 38 -1.00 -7.57 25.69
N THR A 39 -2.27 -7.61 25.27
CA THR A 39 -2.64 -7.25 23.91
C THR A 39 -3.72 -6.15 23.90
N PHE A 40 -3.53 -5.16 23.03
CA PHE A 40 -4.55 -4.16 22.75
C PHE A 40 -5.34 -4.60 21.53
N SER A 41 -6.64 -4.33 21.51
CA SER A 41 -7.38 -4.50 20.26
C SER A 41 -8.56 -3.56 20.18
N GLU A 42 -8.93 -3.18 18.96
CA GLU A 42 -10.14 -2.40 18.74
C GLU A 42 -10.79 -2.84 17.45
N ASP A 43 -12.11 -2.71 17.35
CA ASP A 43 -12.78 -2.90 16.08
C ASP A 43 -12.29 -1.87 15.09
N PHE A 44 -12.18 -2.26 13.83
CA PHE A 44 -11.86 -1.32 12.76
C PHE A 44 -12.81 -0.14 12.76
N ARG A 45 -12.24 1.06 12.80
CA ARG A 45 -13.03 2.27 12.73
C ARG A 45 -13.25 2.58 11.27
N LYS A 46 -14.48 2.93 10.94
CA LYS A 46 -14.91 3.17 9.57
C LYS A 46 -13.98 4.13 8.86
N SER A 47 -13.63 5.21 9.54
CA SER A 47 -12.79 6.28 9.01
C SER A 47 -11.30 5.95 8.97
N GLY A 48 -10.91 4.85 9.61
CA GLY A 48 -9.50 4.55 9.76
C GLY A 48 -8.97 5.24 11.02
N SER A 49 -7.72 4.95 11.38
CA SER A 49 -7.19 5.50 12.62
C SER A 49 -5.67 5.47 12.66
N THR A 50 -5.12 6.30 13.54
CA THR A 50 -3.72 6.23 13.91
C THR A 50 -3.60 5.64 15.31
N VAL A 51 -2.89 4.53 15.44
CA VAL A 51 -2.71 3.92 16.75
C VAL A 51 -1.30 4.24 17.26
N LYS A 52 -1.21 5.10 18.27
CA LYS A 52 0.10 5.43 18.86
C LYS A 52 0.52 4.36 19.84
N VAL A 53 1.83 4.07 19.89
CA VAL A 53 2.40 3.04 20.75
C VAL A 53 3.67 3.60 21.35
N SER A 54 3.73 3.66 22.68
CA SER A 54 4.84 4.34 23.33
C SER A 54 5.17 3.63 24.63
N LYS A 55 6.33 3.95 25.22
CA LYS A 55 6.65 3.41 26.53
C LYS A 55 6.29 4.37 27.66
N THR A 56 5.69 5.51 27.31
CA THR A 56 5.18 6.43 28.33
C THR A 56 3.69 6.66 28.18
N LYS A 57 3.04 6.92 29.31
CA LYS A 57 1.61 7.19 29.32
C LYS A 57 1.26 8.48 28.58
N THR A 58 2.22 9.39 28.48
CA THR A 58 1.99 10.62 27.74
C THR A 58 2.15 10.43 26.23
N LEU A 59 2.53 9.22 25.81
CA LEU A 59 2.65 8.87 24.40
C LEU A 59 3.71 9.71 23.68
N THR A 60 4.80 10.01 24.38
CA THR A 60 5.85 10.84 23.82
C THR A 60 6.68 10.06 22.80
N SER A 61 6.97 10.72 21.67
CA SER A 61 7.76 10.11 20.59
C SER A 61 7.31 8.68 20.28
N PRO A 62 6.03 8.50 19.91
CA PRO A 62 5.51 7.15 19.74
C PRO A 62 5.76 6.58 18.34
N MSE A 63 5.75 5.26 18.28
CA MSE A 63 5.64 4.58 17.01
C MSE A 63 4.16 4.67 16.68
O MSE A 63 3.36 4.98 17.55
CB MSE A 63 6.06 3.13 17.19
CG MSE A 63 6.29 2.40 15.90
SE MSE A 63 6.37 0.49 16.26
CE MSE A 63 4.51 0.13 16.74
N PHE A 64 3.78 4.49 15.42
CA PHE A 64 2.36 4.36 15.11
C PHE A 64 2.01 3.29 14.09
N ILE A 65 0.77 2.81 14.21
CA ILE A 65 0.21 1.88 13.24
C ILE A 65 -0.97 2.59 12.64
N GLY A 66 -0.94 2.80 11.33
CA GLY A 66 -2.05 3.47 10.69
C GLY A 66 -2.84 2.47 9.87
N TYR A 67 -4.15 2.58 9.88
CA TYR A 67 -4.97 1.74 9.01
C TYR A 67 -6.16 2.51 8.45
N SER A 68 -6.63 2.08 7.29
CA SER A 68 -7.87 2.62 6.72
C SER A 68 -8.40 1.59 5.73
N PHE A 69 -9.61 1.76 5.21
CA PHE A 69 -10.08 0.83 4.21
C PHE A 69 -11.01 1.46 3.18
N SER A 70 -11.05 0.86 1.99
CA SER A 70 -11.81 1.42 0.89
C SER A 70 -12.70 0.34 0.28
N SER A 71 -13.63 0.76 -0.57
CA SER A 71 -14.36 -0.19 -1.40
C SER A 71 -14.06 0.20 -2.84
N ASN A 72 -14.08 -0.80 -3.73
CA ASN A 72 -13.77 -0.57 -5.14
C ASN A 72 -12.47 0.22 -5.36
N PRO A 73 -11.32 -0.41 -5.07
CA PRO A 73 -11.18 -1.80 -4.67
C PRO A 73 -11.43 -2.01 -3.18
N ASP A 74 -11.89 -3.20 -2.83
CA ASP A 74 -12.12 -3.54 -1.43
C ASP A 74 -10.80 -3.91 -0.76
N TYR A 75 -10.00 -2.91 -0.43
CA TYR A 75 -8.71 -3.12 0.22
C TYR A 75 -8.65 -2.47 1.60
N GLY A 76 -7.85 -3.06 2.48
CA GLY A 76 -7.51 -2.44 3.75
C GLY A 76 -6.07 -1.99 3.63
N TYR A 77 -5.74 -0.85 4.23
CA TYR A 77 -4.40 -0.30 4.13
C TYR A 77 -3.80 -0.19 5.53
N TYR A 78 -2.49 -0.42 5.64
CA TYR A 78 -1.83 -0.45 6.94
C TYR A 78 -0.40 0.07 6.81
N GLU A 79 0.04 0.81 7.81
CA GLU A 79 1.35 1.45 7.80
C GLU A 79 1.98 1.28 9.17
N LEU A 80 3.22 0.81 9.19
CA LEU A 80 3.99 0.73 10.43
C LEU A 80 5.00 1.86 10.40
N SER A 81 4.79 2.91 11.19
CA SER A 81 5.56 4.15 11.02
C SER A 81 6.41 4.53 12.21
N SER A 82 7.65 4.92 11.94
CA SER A 82 8.50 5.50 12.97
C SER A 82 8.68 7.02 12.75
N GLU A 83 7.76 7.64 12.03
CA GLU A 83 7.85 9.07 11.70
C GLU A 83 7.79 9.99 12.91
N TRP A 84 7.19 9.51 13.99
CA TRP A 84 7.10 10.32 15.21
C TRP A 84 7.97 9.78 16.33
N GLY A 85 8.72 8.71 16.03
CA GLY A 85 9.57 8.06 17.02
C GLY A 85 9.47 6.54 16.91
N ASN A 86 10.29 5.83 17.69
CA ASN A 86 10.19 4.37 17.80
C ASN A 86 10.92 3.87 19.01
N PRO A 87 10.18 3.64 20.11
CA PRO A 87 10.74 3.18 21.38
C PRO A 87 11.28 1.77 21.26
N PHE A 88 10.91 1.09 20.17
CA PHE A 88 11.21 -0.33 19.99
C PHE A 88 12.22 -0.56 18.89
N ALA A 89 12.99 0.48 18.56
CA ALA A 89 13.97 0.42 17.49
C ALA A 89 15.01 -0.69 17.65
N ASP A 90 15.36 -1.01 18.90
CA ASP A 90 16.36 -2.03 19.21
C ASP A 90 15.79 -3.45 19.23
N LYS A 91 14.50 -3.59 18.93
CA LYS A 91 13.82 -4.90 18.98
C LYS A 91 13.12 -5.20 17.66
N ARG A 92 12.58 -6.41 17.53
CA ARG A 92 11.85 -6.76 16.31
C ARG A 92 10.38 -6.32 16.44
N VAL A 93 9.86 -5.71 15.37
CA VAL A 93 8.46 -5.34 15.31
C VAL A 93 7.86 -5.85 14.00
N THR A 94 6.73 -6.53 14.09
CA THR A 94 6.04 -7.04 12.91
C THR A 94 4.68 -6.37 12.80
N LEU A 95 4.18 -6.21 11.58
CA LEU A 95 2.81 -5.77 11.37
C LEU A 95 2.30 -6.55 10.18
N SER A 96 1.25 -7.33 10.38
CA SER A 96 0.76 -8.21 9.32
C SER A 96 -0.75 -8.12 9.17
N PRO A 97 -1.26 -8.16 7.93
CA PRO A 97 -2.70 -8.19 7.72
C PRO A 97 -3.22 -9.61 7.59
N GLY A 98 -2.39 -10.59 7.93
CA GLY A 98 -2.74 -11.97 7.69
C GLY A 98 -2.06 -12.44 6.40
N ALA A 99 -2.45 -13.61 5.92
CA ALA A 99 -1.78 -14.21 4.76
C ALA A 99 -2.08 -13.50 3.43
N GLY A 100 -1.16 -13.62 2.49
CA GLY A 100 -1.43 -13.25 1.11
C GLY A 100 -1.11 -11.80 0.72
N CYS A 101 -0.46 -11.05 1.60
CA CYS A 101 -0.17 -9.65 1.34
C CYS A 101 1.17 -9.24 1.94
N GLN A 102 1.77 -8.18 1.41
CA GLN A 102 3.06 -7.70 1.93
C GLN A 102 2.93 -7.26 3.40
N ASP A 103 3.90 -7.68 4.22
CA ASP A 103 3.90 -7.40 5.66
C ASP A 103 5.06 -6.49 6.02
N PHE A 104 5.10 -6.09 7.28
CA PHE A 104 6.30 -5.51 7.85
C PHE A 104 6.91 -6.56 8.78
N ASN A 105 8.18 -6.86 8.59
CA ASN A 105 8.91 -7.64 9.59
C ASN A 105 10.22 -6.92 9.81
N CYS A 106 10.21 -6.02 10.79
CA CYS A 106 11.33 -5.11 11.00
C CYS A 106 12.28 -5.64 12.06
N ALA A 107 13.45 -6.07 11.59
CA ALA A 107 14.46 -6.65 12.46
C ALA A 107 14.96 -5.59 13.44
N PRO A 108 15.53 -6.03 14.56
CA PRO A 108 16.16 -5.09 15.48
C PRO A 108 17.11 -4.13 14.77
N ASN A 109 16.97 -2.83 15.06
CA ASN A 109 17.80 -1.77 14.49
C ASN A 109 17.77 -1.59 12.97
N ASP A 110 16.79 -2.19 12.31
CA ASP A 110 16.59 -1.94 10.89
C ASP A 110 15.68 -0.74 10.70
N ALA A 111 16.23 0.45 10.84
CA ALA A 111 15.43 1.68 10.86
C ALA A 111 14.67 1.91 9.55
N GLY A 112 15.26 1.49 8.44
CA GLY A 112 14.66 1.72 7.13
C GLY A 112 13.50 0.81 6.80
N CYS A 113 13.22 -0.17 7.66
CA CYS A 113 12.09 -1.07 7.42
C CYS A 113 10.74 -0.38 7.65
N TYR A 114 10.74 0.59 8.56
CA TYR A 114 9.54 1.32 8.92
C TYR A 114 9.20 2.36 7.87
N SER A 115 7.95 2.82 7.89
CA SER A 115 7.58 3.98 7.10
C SER A 115 8.28 5.19 7.68
N ARG A 116 8.88 6.00 6.80
CA ARG A 116 9.71 7.11 7.22
C ARG A 116 9.27 8.39 6.50
N PRO A 117 9.64 9.55 7.05
CA PRO A 117 9.20 10.82 6.44
C PRO A 117 9.59 10.89 4.98
N ASP A 118 10.80 10.42 4.66
CA ASP A 118 11.35 10.52 3.31
C ASP A 118 11.24 9.22 2.51
N MSE A 119 10.67 8.19 3.13
CA MSE A 119 10.33 6.98 2.40
C MSE A 119 9.12 6.32 3.04
O MSE A 119 9.26 5.54 3.98
CB MSE A 119 11.52 6.01 2.34
CG MSE A 119 11.21 4.72 1.57
SE MSE A 119 10.48 5.04 -0.24
CE MSE A 119 11.91 6.20 -0.92
N LYS A 120 7.94 6.64 2.50
CA LYS A 120 6.69 6.11 3.04
C LYS A 120 6.50 4.65 2.66
N LYS A 121 6.00 3.87 3.60
CA LYS A 121 5.75 2.46 3.36
C LYS A 121 4.37 2.15 3.88
N VAL A 122 3.45 1.99 2.95
CA VAL A 122 2.04 1.77 3.26
C VAL A 122 1.64 0.63 2.34
N TYR A 123 0.97 -0.38 2.88
CA TYR A 123 0.57 -1.53 2.07
C TYR A 123 -0.94 -1.76 2.07
N GLY A 124 -1.44 -2.29 0.96
CA GLY A 124 -2.84 -2.67 0.82
C GLY A 124 -3.04 -4.18 0.72
N CYS A 125 -4.22 -4.64 1.11
CA CYS A 125 -4.54 -6.06 1.13
C CYS A 125 -6.05 -6.21 1.00
N PRO A 126 -6.52 -7.21 0.23
CA PRO A 126 -7.96 -7.48 0.09
C PRO A 126 -8.66 -7.68 1.43
N LEU A 127 -9.84 -7.07 1.57
CA LEU A 127 -10.62 -7.20 2.79
C LEU A 127 -11.30 -8.57 2.83
N PRO A 128 -11.60 -9.07 4.05
CA PRO A 128 -11.30 -8.47 5.35
C PRO A 128 -9.92 -8.87 5.87
N ILE A 129 -9.34 -7.98 6.67
CA ILE A 129 -8.04 -8.24 7.30
C ILE A 129 -8.14 -7.85 8.76
N ASN A 130 -7.28 -8.42 9.59
CA ASN A 130 -7.00 -7.87 10.90
C ASN A 130 -5.62 -7.24 10.77
N VAL A 131 -5.44 -6.02 11.26
CA VAL A 131 -4.12 -5.39 11.22
C VAL A 131 -3.46 -5.66 12.56
N GLU A 132 -2.42 -6.49 12.56
CA GLU A 132 -1.92 -7.12 13.77
C GLU A 132 -0.43 -6.87 13.94
N ALA A 133 -0.09 -6.14 15.00
CA ALA A 133 1.29 -5.79 15.28
C ALA A 133 1.78 -6.56 16.50
N THR A 134 3.04 -6.99 16.47
CA THR A 134 3.69 -7.60 17.62
C THR A 134 4.94 -6.82 17.97
N LEU A 135 4.99 -6.26 19.19
CA LEU A 135 6.12 -5.47 19.66
C LEU A 135 7.13 -6.43 20.26
N CYS A 136 8.42 -6.24 19.95
CA CYS A 136 9.47 -7.12 20.47
C CYS A 136 9.19 -8.59 20.13
N ALA A 137 8.86 -8.85 18.88
CA ALA A 137 8.53 -10.21 18.43
C ALA A 137 9.75 -11.11 18.54
N ALA B 3 -3.79 18.24 -13.55
CA ALA B 3 -4.33 17.02 -12.96
C ALA B 3 -3.25 15.97 -12.76
N GLN B 4 -3.39 15.17 -11.70
CA GLN B 4 -2.60 13.96 -11.51
C GLN B 4 -2.71 13.05 -12.74
N GLN B 5 -1.61 12.40 -13.11
CA GLN B 5 -1.52 11.66 -14.36
C GLN B 5 -1.20 10.19 -14.13
N ALA B 6 -1.87 9.31 -14.90
CA ALA B 6 -1.45 7.91 -15.00
C ALA B 6 -0.81 7.77 -16.37
N ILE B 7 0.44 7.33 -16.38
CA ILE B 7 1.25 7.36 -17.60
C ILE B 7 1.90 6.02 -17.82
N VAL B 8 1.84 5.55 -19.07
CA VAL B 8 2.47 4.30 -19.45
C VAL B 8 3.35 4.55 -20.67
N HIS B 9 4.67 4.40 -20.49
CA HIS B 9 5.64 4.53 -21.59
C HIS B 9 5.93 3.16 -22.19
N ASN B 10 5.75 3.02 -23.50
CA ASN B 10 6.09 1.76 -24.15
C ASN B 10 7.50 1.81 -24.74
N ASN B 11 8.46 1.20 -24.06
CA ASN B 11 9.82 1.11 -24.57
C ASN B 11 10.06 -0.25 -25.24
N CYS B 12 9.00 -1.04 -25.39
CA CYS B 12 9.13 -2.33 -26.07
C CYS B 12 9.23 -2.15 -27.58
N GLN B 13 9.78 -3.16 -28.25
CA GLN B 13 9.78 -3.19 -29.71
C GLN B 13 8.36 -3.41 -30.21
N ASP B 14 7.60 -4.22 -29.46
CA ASP B 14 6.25 -4.61 -29.85
C ASP B 14 5.23 -3.54 -29.46
N THR B 15 4.20 -3.42 -30.29
CA THR B 15 3.09 -2.52 -30.02
C THR B 15 2.25 -3.06 -28.87
N VAL B 16 1.77 -2.17 -28.01
CA VAL B 16 0.90 -2.58 -26.91
C VAL B 16 -0.40 -1.80 -26.95
N TYR B 17 -1.40 -2.30 -26.25
CA TYR B 17 -2.71 -1.67 -26.19
C TYR B 17 -3.05 -1.40 -24.74
N VAL B 18 -3.50 -0.18 -24.46
CA VAL B 18 -3.72 0.27 -23.09
C VAL B 18 -5.14 0.81 -22.97
N GLN B 19 -5.84 0.43 -21.90
CA GLN B 19 -7.16 0.98 -21.69
C GLN B 19 -7.46 1.09 -20.21
N SER B 20 -8.03 2.23 -19.80
CA SER B 20 -8.27 2.48 -18.38
C SER B 20 -9.71 2.21 -17.97
N PHE B 21 -9.87 1.31 -17.00
CA PHE B 21 -11.17 0.86 -16.50
C PHE B 21 -11.43 1.39 -15.10
N PRO B 22 -12.21 2.48 -14.97
CA PRO B 22 -12.45 3.15 -13.67
C PRO B 22 -12.93 2.18 -12.59
N TYR B 23 -12.44 2.36 -11.37
CA TYR B 23 -12.77 1.46 -10.27
C TYR B 23 -14.23 1.53 -9.85
N ASP B 24 -14.91 2.63 -10.19
CA ASP B 24 -16.36 2.71 -9.95
C ASP B 24 -17.17 1.89 -10.96
N GLY B 25 -16.47 1.27 -11.92
CA GLY B 25 -17.13 0.39 -12.87
C GLY B 25 -17.89 1.09 -13.98
N SER B 26 -17.57 2.36 -14.21
CA SER B 26 -18.20 3.13 -15.29
C SER B 26 -17.51 2.93 -16.64
N ALA B 27 -17.87 3.73 -17.64
CA ALA B 27 -17.30 3.60 -18.98
C ALA B 27 -15.79 3.86 -18.95
N THR B 28 -15.05 3.11 -19.75
CA THR B 28 -13.60 3.21 -19.80
C THR B 28 -13.12 4.39 -20.62
N GLY B 29 -11.83 4.68 -20.53
CA GLY B 29 -11.21 5.61 -21.46
C GLY B 29 -11.05 4.96 -22.81
N PRO B 30 -10.48 5.70 -23.77
CA PRO B 30 -10.29 5.17 -25.13
C PRO B 30 -9.26 4.04 -25.20
N LEU B 31 -9.55 3.03 -26.03
CA LEU B 31 -8.58 1.97 -26.31
C LEU B 31 -7.39 2.58 -27.04
N THR B 32 -6.23 2.53 -26.40
CA THR B 32 -5.07 3.29 -26.86
C THR B 32 -3.95 2.40 -27.43
N THR B 33 -3.58 2.67 -28.68
CA THR B 33 -2.49 1.94 -29.31
C THR B 33 -1.16 2.67 -29.09
N LEU B 34 -0.19 1.96 -28.52
CA LEU B 34 1.15 2.50 -28.34
C LEU B 34 2.17 1.71 -29.13
N GLN B 35 2.64 2.27 -30.24
CA GLN B 35 3.76 1.65 -30.94
C GLN B 35 5.00 1.87 -30.10
N ALA B 36 6.09 1.22 -30.48
CA ALA B 36 7.38 1.39 -29.80
C ALA B 36 7.70 2.87 -29.62
N GLY B 37 8.03 3.26 -28.39
CA GLY B 37 8.41 4.63 -28.10
C GLY B 37 7.26 5.58 -27.77
N GLN B 38 6.02 5.13 -27.90
CA GLN B 38 4.87 5.98 -27.62
C GLN B 38 4.43 5.90 -26.16
N THR B 39 3.62 6.87 -25.73
CA THR B 39 3.22 6.99 -24.33
C THR B 39 1.71 7.18 -24.17
N PHE B 40 1.12 6.43 -23.25
CA PHE B 40 -0.27 6.61 -22.85
C PHE B 40 -0.31 7.57 -21.68
N SER B 41 -1.31 8.45 -21.63
CA SER B 41 -1.54 9.25 -20.42
C SER B 41 -3.01 9.55 -20.26
N GLU B 42 -3.45 9.68 -19.01
CA GLU B 42 -4.79 10.15 -18.75
C GLU B 42 -4.75 10.91 -17.43
N ASP B 43 -5.69 11.84 -17.27
CA ASP B 43 -5.91 12.45 -15.96
C ASP B 43 -6.50 11.39 -15.05
N PHE B 44 -6.16 11.46 -13.77
CA PHE B 44 -6.69 10.53 -12.78
C PHE B 44 -8.21 10.51 -12.81
N ARG B 45 -8.78 9.32 -12.90
CA ARG B 45 -10.21 9.18 -12.74
C ARG B 45 -10.52 9.23 -11.25
N LYS B 46 -11.56 10.00 -10.91
CA LYS B 46 -11.92 10.28 -9.52
C LYS B 46 -12.08 9.04 -8.63
N SER B 47 -12.57 7.95 -9.21
CA SER B 47 -12.82 6.73 -8.48
C SER B 47 -11.60 5.81 -8.39
N GLY B 48 -10.50 6.20 -9.05
CA GLY B 48 -9.40 5.28 -9.26
C GLY B 48 -9.65 4.49 -10.53
N SER B 49 -8.67 3.71 -10.96
CA SER B 49 -8.82 2.97 -12.21
C SER B 49 -7.82 1.84 -12.29
N THR B 50 -8.12 0.83 -13.08
CA THR B 50 -7.10 -0.15 -13.42
C THR B 50 -6.76 0.05 -14.88
N VAL B 51 -5.51 0.39 -15.14
CA VAL B 51 -5.04 0.59 -16.49
C VAL B 51 -4.51 -0.74 -17.01
N LYS B 52 -5.29 -1.40 -17.87
CA LYS B 52 -4.89 -2.67 -18.47
C LYS B 52 -3.92 -2.47 -19.62
N VAL B 53 -2.91 -3.34 -19.70
CA VAL B 53 -1.92 -3.26 -20.76
C VAL B 53 -1.78 -4.64 -21.41
N SER B 54 -2.04 -4.71 -22.71
CA SER B 54 -2.07 -6.00 -23.39
C SER B 54 -1.29 -5.93 -24.70
N LYS B 55 -0.99 -7.10 -25.25
CA LYS B 55 -0.38 -7.13 -26.57
C LYS B 55 -1.42 -7.35 -27.67
N THR B 56 -2.69 -7.40 -27.30
CA THR B 56 -3.76 -7.49 -28.29
C THR B 56 -4.83 -6.43 -28.09
N LYS B 57 -5.47 -6.03 -29.20
CA LYS B 57 -6.61 -5.12 -29.19
C LYS B 57 -7.76 -5.67 -28.37
N THR B 58 -7.84 -6.98 -28.27
CA THR B 58 -8.90 -7.63 -27.50
C THR B 58 -8.57 -7.71 -26.02
N LEU B 59 -7.45 -7.11 -25.62
CA LEU B 59 -7.05 -7.07 -24.21
C LEU B 59 -6.88 -8.48 -23.61
N THR B 60 -6.24 -9.37 -24.36
CA THR B 60 -5.96 -10.69 -23.83
C THR B 60 -4.90 -10.64 -22.74
N SER B 61 -5.18 -11.37 -21.65
CA SER B 61 -4.26 -11.53 -20.52
C SER B 61 -3.47 -10.28 -20.17
N PRO B 62 -4.17 -9.22 -19.77
CA PRO B 62 -3.46 -7.95 -19.56
C PRO B 62 -2.77 -7.85 -18.22
N MSE B 63 -1.64 -7.14 -18.20
CA MSE B 63 -1.07 -6.71 -16.94
C MSE B 63 -1.92 -5.51 -16.57
O MSE B 63 -2.60 -4.94 -17.42
CB MSE B 63 0.38 -6.28 -17.17
CG MSE B 63 1.12 -5.90 -15.93
SE MSE B 63 2.75 -5.01 -16.45
CE MSE B 63 2.06 -3.31 -17.08
N PHE B 64 -1.94 -5.12 -15.30
CA PHE B 64 -2.60 -3.85 -14.99
C PHE B 64 -1.83 -2.99 -14.02
N ILE B 65 -2.03 -1.68 -14.19
CA ILE B 65 -1.52 -0.67 -13.28
C ILE B 65 -2.75 -0.07 -12.61
N GLY B 66 -2.89 -0.30 -11.31
CA GLY B 66 -4.04 0.22 -10.59
C GLY B 66 -3.67 1.44 -9.77
N TYR B 67 -4.57 2.41 -9.73
CA TYR B 67 -4.44 3.52 -8.78
C TYR B 67 -5.77 3.74 -8.07
N SER B 68 -5.71 3.97 -6.76
CA SER B 68 -6.93 4.10 -5.96
C SER B 68 -6.73 4.99 -4.74
N PHE B 69 -7.81 5.17 -3.98
CA PHE B 69 -7.81 6.05 -2.81
C PHE B 69 -8.56 5.40 -1.66
N SER B 70 -8.41 5.95 -0.46
CA SER B 70 -8.99 5.34 0.74
C SER B 70 -9.72 6.37 1.59
N SER B 71 -10.19 5.95 2.77
CA SER B 71 -10.74 6.89 3.75
C SER B 71 -9.72 7.97 4.03
N ASN B 72 -8.57 7.58 4.59
CA ASN B 72 -7.44 8.47 4.79
C ASN B 72 -7.19 9.32 3.54
N PRO B 73 -7.60 10.59 3.59
CA PRO B 73 -7.63 11.44 2.39
C PRO B 73 -6.22 11.82 1.93
N ASP B 74 -5.23 11.48 2.74
CA ASP B 74 -3.86 11.89 2.47
C ASP B 74 -3.17 11.05 1.38
N TYR B 75 -3.63 9.83 1.12
CA TYR B 75 -2.86 8.87 0.30
C TYR B 75 -3.50 8.43 -1.03
N GLY B 76 -2.63 8.11 -2.00
CA GLY B 76 -3.03 7.42 -3.22
C GLY B 76 -2.33 6.07 -3.21
N TYR B 77 -2.94 5.06 -3.82
CA TYR B 77 -2.40 3.71 -3.76
C TYR B 77 -2.26 3.11 -5.15
N TYR B 78 -1.14 2.45 -5.40
CA TYR B 78 -0.82 2.00 -6.75
C TYR B 78 -0.35 0.56 -6.74
N GLU B 79 -0.62 -0.15 -7.83
CA GLU B 79 -0.43 -1.58 -7.87
C GLU B 79 -0.02 -1.98 -9.26
N LEU B 80 1.09 -2.72 -9.34
CA LEU B 80 1.54 -3.29 -10.61
C LEU B 80 1.23 -4.79 -10.57
N SER B 81 0.20 -5.22 -11.27
CA SER B 81 -0.34 -6.56 -11.06
C SER B 81 -0.25 -7.51 -12.25
N SER B 82 0.13 -8.75 -11.97
CA SER B 82 0.15 -9.79 -12.99
C SER B 82 -0.94 -10.82 -12.67
N GLU B 83 -1.93 -10.40 -11.91
CA GLU B 83 -3.02 -11.31 -11.53
C GLU B 83 -3.72 -11.96 -12.73
N TRP B 84 -3.95 -11.17 -13.80
CA TRP B 84 -4.70 -11.65 -14.96
C TRP B 84 -3.79 -11.93 -16.14
N GLY B 85 -2.50 -11.78 -15.91
CA GLY B 85 -1.50 -12.01 -16.95
C GLY B 85 -0.39 -10.98 -16.90
N ASN B 86 0.65 -11.21 -17.69
CA ASN B 86 1.70 -10.22 -17.88
C ASN B 86 2.44 -10.50 -19.17
N PRO B 87 2.13 -9.73 -20.22
CA PRO B 87 2.80 -9.90 -21.51
C PRO B 87 4.30 -9.56 -21.45
N PHE B 88 4.74 -8.93 -20.37
CA PHE B 88 6.11 -8.41 -20.29
C PHE B 88 6.92 -9.12 -19.23
N ALA B 89 6.55 -10.37 -18.94
CA ALA B 89 7.16 -11.09 -17.83
C ALA B 89 8.66 -11.30 -18.00
N ASP B 90 9.13 -11.34 -19.24
CA ASP B 90 10.56 -11.54 -19.50
C ASP B 90 11.26 -10.22 -19.80
N LYS B 91 10.58 -9.13 -19.46
CA LYS B 91 11.12 -7.79 -19.62
C LYS B 91 11.09 -7.05 -18.29
N ARG B 92 11.75 -5.90 -18.24
CA ARG B 92 11.71 -5.06 -17.04
C ARG B 92 10.51 -4.12 -17.09
N VAL B 93 9.80 -4.00 -15.98
CA VAL B 93 8.67 -3.09 -15.89
C VAL B 93 8.82 -2.29 -14.63
N THR B 94 8.73 -0.97 -14.74
CA THR B 94 8.81 -0.11 -13.56
C THR B 94 7.50 0.65 -13.35
N LEU B 95 7.17 0.93 -12.10
CA LEU B 95 6.01 1.77 -11.77
C LEU B 95 6.41 2.66 -10.59
N SER B 96 6.30 3.97 -10.76
CA SER B 96 6.76 4.91 -9.74
C SER B 96 5.76 6.01 -9.48
N PRO B 97 5.57 6.36 -8.21
CA PRO B 97 4.71 7.49 -7.83
C PRO B 97 5.56 8.73 -7.63
N GLY B 98 6.84 8.67 -8.00
CA GLY B 98 7.77 9.75 -7.71
C GLY B 98 8.54 9.53 -6.42
N ALA B 99 9.24 10.58 -5.99
CA ALA B 99 10.13 10.49 -4.83
C ALA B 99 9.37 10.26 -3.53
N GLY B 100 10.07 9.68 -2.56
CA GLY B 100 9.58 9.60 -1.18
C GLY B 100 8.65 8.43 -0.89
N CYS B 101 8.44 7.58 -1.89
CA CYS B 101 7.54 6.44 -1.75
C CYS B 101 8.10 5.24 -2.50
N GLN B 102 7.55 4.05 -2.26
CA GLN B 102 8.10 2.83 -2.86
C GLN B 102 7.72 2.67 -4.33
N ASP B 103 8.70 2.23 -5.13
CA ASP B 103 8.48 1.95 -6.53
C ASP B 103 8.26 0.46 -6.73
N PHE B 104 7.76 0.10 -7.91
CA PHE B 104 7.91 -1.26 -8.40
C PHE B 104 9.04 -1.19 -9.41
N ASN B 105 10.07 -2.00 -9.22
CA ASN B 105 11.13 -2.10 -10.21
C ASN B 105 11.36 -3.57 -10.52
N CYS B 106 10.56 -4.11 -11.43
CA CYS B 106 10.48 -5.56 -11.60
C CYS B 106 11.40 -6.03 -12.71
N ALA B 107 12.47 -6.72 -12.31
CA ALA B 107 13.48 -7.21 -13.24
C ALA B 107 12.86 -8.24 -14.18
N PRO B 108 13.49 -8.48 -15.34
CA PRO B 108 12.99 -9.52 -16.25
C PRO B 108 12.90 -10.85 -15.51
N ASN B 109 11.79 -11.56 -15.74
CA ASN B 109 11.55 -12.87 -15.14
C ASN B 109 11.44 -12.91 -13.62
N ASP B 110 11.28 -11.78 -12.97
CA ASP B 110 11.11 -11.78 -11.52
C ASP B 110 9.62 -11.64 -11.16
N ALA B 111 8.90 -12.75 -11.32
CA ALA B 111 7.46 -12.78 -11.19
C ALA B 111 7.00 -12.33 -9.81
N GLY B 112 7.81 -12.63 -8.80
CA GLY B 112 7.44 -12.33 -7.43
C GLY B 112 7.51 -10.86 -7.05
N CYS B 113 7.94 -10.03 -7.99
CA CYS B 113 7.99 -8.58 -7.79
C CYS B 113 6.61 -7.95 -7.98
N TYR B 114 5.75 -8.61 -8.76
CA TYR B 114 4.45 -8.04 -9.08
C TYR B 114 3.44 -8.35 -7.99
N SER B 115 2.39 -7.55 -7.93
CA SER B 115 1.25 -7.92 -7.11
C SER B 115 0.65 -9.21 -7.66
N ARG B 116 0.43 -10.17 -6.77
CA ARG B 116 -0.03 -11.52 -7.13
C ARG B 116 -1.29 -11.82 -6.35
N PRO B 117 -2.16 -12.70 -6.87
CA PRO B 117 -3.43 -12.96 -6.19
C PRO B 117 -3.26 -13.34 -4.71
N ASP B 118 -2.29 -14.20 -4.42
CA ASP B 118 -2.02 -14.56 -3.02
C ASP B 118 -0.71 -13.99 -2.48
N MSE B 119 -0.25 -12.90 -3.09
CA MSE B 119 0.83 -12.09 -2.54
C MSE B 119 0.67 -10.68 -3.09
O MSE B 119 1.45 -10.23 -3.95
CB MSE B 119 2.22 -12.66 -2.88
CG MSE B 119 3.33 -11.99 -2.10
SE MSE B 119 2.93 -12.06 -0.18
CE MSE B 119 2.67 -14.00 -0.12
N LYS B 120 -0.36 -10.00 -2.61
CA LYS B 120 -0.75 -8.70 -3.14
C LYS B 120 0.24 -7.63 -2.72
N LYS B 121 0.54 -6.74 -3.66
CA LYS B 121 1.46 -5.63 -3.41
C LYS B 121 0.83 -4.33 -3.88
N VAL B 122 0.33 -3.57 -2.93
CA VAL B 122 -0.33 -2.31 -3.19
C VAL B 122 0.37 -1.31 -2.29
N TYR B 123 0.93 -0.26 -2.88
CA TYR B 123 1.76 0.67 -2.11
C TYR B 123 1.03 2.01 -1.98
N GLY B 124 1.21 2.67 -0.84
CA GLY B 124 0.59 3.97 -0.64
C GLY B 124 1.59 5.12 -0.67
N CYS B 125 1.11 6.33 -0.96
CA CYS B 125 1.98 7.50 -1.08
C CYS B 125 1.16 8.78 -0.92
N PRO B 126 1.68 9.77 -0.16
CA PRO B 126 0.88 10.98 0.08
C PRO B 126 0.51 11.71 -1.22
N LEU B 127 -0.74 12.14 -1.32
CA LEU B 127 -1.22 12.87 -2.48
C LEU B 127 -0.61 14.27 -2.44
N PRO B 128 -0.48 14.91 -3.60
CA PRO B 128 -0.84 14.39 -4.93
C PRO B 128 0.31 13.60 -5.58
N ILE B 129 -0.04 12.66 -6.45
CA ILE B 129 0.96 11.87 -7.16
C ILE B 129 0.61 11.70 -8.63
N ASN B 130 1.64 11.51 -9.44
CA ASN B 130 1.49 10.91 -10.75
C ASN B 130 1.94 9.47 -10.62
N VAL B 131 1.37 8.60 -11.43
CA VAL B 131 1.76 7.20 -11.45
C VAL B 131 2.29 6.92 -12.85
N GLU B 132 3.56 6.53 -12.93
CA GLU B 132 4.24 6.45 -14.23
C GLU B 132 4.94 5.12 -14.42
N ALA B 133 4.56 4.41 -15.47
CA ALA B 133 5.13 3.09 -15.75
C ALA B 133 5.92 3.09 -17.05
N THR B 134 6.98 2.28 -17.08
CA THR B 134 7.69 2.02 -18.33
C THR B 134 7.68 0.53 -18.58
N LEU B 135 7.27 0.17 -19.79
CA LEU B 135 7.28 -1.22 -20.26
C LEU B 135 8.58 -1.46 -20.99
N CYS B 136 9.21 -2.60 -20.72
CA CYS B 136 10.50 -2.93 -21.31
C CYS B 136 11.52 -1.84 -20.99
N ALA B 137 11.59 -1.44 -19.72
CA ALA B 137 12.58 -0.44 -19.29
C ALA B 137 14.01 -0.89 -19.56
#